data_3IO8
#
_entry.id   3IO8
#
_cell.length_a   65.717
_cell.length_b   65.717
_cell.length_c   170.094
_cell.angle_alpha   90.00
_cell.angle_beta   90.00
_cell.angle_gamma   120.00
#
_symmetry.space_group_name_H-M   'P 62'
#
loop_
_entity.id
_entity.type
_entity.pdbx_description
1 polymer 'Bcl-2-like protein 1'
2 polymer 'Bcl-2-like protein 11'
3 non-polymer 'ZINC ION'
4 water water
#
loop_
_entity_poly.entity_id
_entity_poly.type
_entity_poly.pdbx_seq_one_letter_code
_entity_poly.pdbx_strand_id
1 'polypeptide(L)'
;GPLGSMSQSNRELVVDFLSYKLSQKGYSWSQMAAVKQALREAGDEFELRYRRAFSDLTSQLHITPGTAYQSFEQVVNELF
RDGVNWGRIVAFFSFGGALCVESVDKEMQVLVSRIAAWMATYLNDHLEPWIQENGGWDTFVELYGNNAAAESRKGQER
;
A,C
2 'polypeptide(L)' DMRPEIWIAQEFRRIGDEFNAYYARR B,D
#
# COMPACT_ATOMS: atom_id res chain seq x y z
N PRO A 2 10.08 -19.27 8.17
CA PRO A 2 9.51 -20.35 7.35
C PRO A 2 8.68 -19.77 6.23
N LEU A 3 8.57 -20.50 5.12
CA LEU A 3 7.87 -20.01 3.93
C LEU A 3 6.41 -20.45 3.89
N GLY A 4 5.52 -19.50 3.59
CA GLY A 4 4.11 -19.78 3.47
C GLY A 4 3.71 -20.01 2.03
N SER A 5 2.40 -20.02 1.79
CA SER A 5 1.87 -20.38 0.47
C SER A 5 2.33 -19.49 -0.67
N MET A 6 2.76 -20.12 -1.77
CA MET A 6 3.11 -19.41 -3.00
C MET A 6 1.88 -18.74 -3.61
N SER A 7 0.71 -19.28 -3.28
CA SER A 7 -0.55 -18.72 -3.77
C SER A 7 -1.02 -17.54 -2.91
N GLN A 8 -0.81 -17.66 -1.60
CA GLN A 8 -1.12 -16.56 -0.68
C GLN A 8 -0.21 -15.39 -0.95
N SER A 9 1.01 -15.69 -1.38
CA SER A 9 1.93 -14.66 -1.85
C SER A 9 1.35 -13.97 -3.08
N ASN A 10 1.01 -14.78 -4.09
CA ASN A 10 0.49 -14.25 -5.35
C ASN A 10 -0.82 -13.50 -5.18
N ARG A 11 -1.64 -13.95 -4.23
CA ARG A 11 -2.92 -13.30 -3.98
C ARG A 11 -2.75 -11.96 -3.26
N GLU A 12 -1.71 -11.87 -2.44
CA GLU A 12 -1.50 -10.70 -1.59
C GLU A 12 -1.12 -9.47 -2.43
N LEU A 13 -0.39 -9.70 -3.51
CA LEU A 13 0.01 -8.64 -4.42
C LEU A 13 -1.16 -8.22 -5.30
N VAL A 14 -1.89 -9.21 -5.82
CA VAL A 14 -3.07 -8.93 -6.63
C VAL A 14 -4.04 -8.09 -5.83
N VAL A 15 -4.24 -8.46 -4.57
CA VAL A 15 -5.13 -7.72 -3.68
C VAL A 15 -4.61 -6.31 -3.37
N ASP A 16 -3.29 -6.15 -3.33
CA ASP A 16 -2.72 -4.84 -3.08
C ASP A 16 -2.92 -3.89 -4.26
N PHE A 17 -2.56 -4.36 -5.46
CA PHE A 17 -2.65 -3.54 -6.66
C PHE A 17 -4.09 -3.16 -7.03
N LEU A 18 -5.05 -3.92 -6.53
CA LEU A 18 -6.46 -3.64 -6.83
C LEU A 18 -7.04 -2.55 -5.90
N SER A 19 -6.65 -2.58 -4.63
CA SER A 19 -7.13 -1.61 -3.66
C SER A 19 -6.71 -0.21 -4.07
N TYR A 20 -5.45 -0.10 -4.48
CA TYR A 20 -4.86 1.17 -4.87
C TYR A 20 -5.64 1.80 -6.01
N LYS A 21 -6.05 0.98 -6.96
CA LYS A 21 -6.81 1.44 -8.11
C LYS A 21 -8.24 1.82 -7.72
N LEU A 22 -8.78 1.14 -6.71
CA LEU A 22 -10.10 1.48 -6.22
C LEU A 22 -10.06 2.74 -5.35
N SER A 23 -9.00 2.89 -4.56
CA SER A 23 -8.84 4.08 -3.72
C SER A 23 -8.72 5.33 -4.57
N GLN A 24 -8.08 5.18 -5.73
CA GLN A 24 -7.94 6.29 -6.67
C GLN A 24 -9.27 6.66 -7.31
N LYS A 25 -10.11 5.65 -7.56
CA LYS A 25 -11.42 5.86 -8.18
C LYS A 25 -12.52 5.97 -7.14
N GLY A 26 -12.14 6.32 -5.91
CA GLY A 26 -13.12 6.57 -4.86
C GLY A 26 -13.74 5.32 -4.27
N TYR A 27 -12.95 4.27 -4.15
CA TYR A 27 -13.40 3.04 -3.51
C TYR A 27 -12.36 2.56 -2.54
N SER A 28 -12.67 1.45 -1.85
CA SER A 28 -11.72 0.85 -0.92
C SER A 28 -12.02 -0.63 -0.77
N TRP A 29 -10.96 -1.42 -0.76
CA TRP A 29 -11.09 -2.86 -0.57
C TRP A 29 -11.67 -3.16 0.82
N SER A 30 -11.11 -2.55 1.85
CA SER A 30 -11.57 -2.76 3.21
C SER A 30 -11.50 -1.45 4.01
N GLN A 31 -11.87 -1.51 5.29
CA GLN A 31 -11.66 -0.38 6.18
C GLN A 31 -10.18 -0.24 6.43
N MET A 32 -9.49 -1.38 6.40
CA MET A 32 -8.04 -1.40 6.60
C MET A 32 -7.34 -0.73 5.41
N ALA A 33 -7.84 -0.98 4.20
CA ALA A 33 -7.23 -0.41 3.00
C ALA A 33 -7.43 1.10 2.92
N ALA A 34 -8.62 1.56 3.31
CA ALA A 34 -8.96 2.97 3.24
C ALA A 34 -8.27 3.77 4.33
N VAL A 35 -8.00 3.13 5.46
CA VAL A 35 -7.29 3.78 6.55
C VAL A 35 -5.80 3.92 6.24
N LYS A 36 -5.21 2.87 5.67
CA LYS A 36 -3.80 2.89 5.29
C LYS A 36 -3.48 4.09 4.42
N GLN A 37 -4.26 4.26 3.35
CA GLN A 37 -3.99 5.34 2.40
C GLN A 37 -4.18 6.69 3.04
N ALA A 38 -5.16 6.80 3.93
CA ALA A 38 -5.41 8.06 4.62
C ALA A 38 -4.22 8.44 5.49
N LEU A 39 -3.61 7.45 6.13
CA LEU A 39 -2.47 7.70 7.01
C LEU A 39 -1.21 7.98 6.21
N ARG A 40 -1.07 7.29 5.08
CA ARG A 40 0.05 7.54 4.19
C ARG A 40 0.07 9.00 3.78
N GLU A 41 -1.11 9.55 3.50
CA GLU A 41 -1.23 10.91 2.97
C GLU A 41 -1.25 11.99 4.05
N ALA A 42 -1.81 11.65 5.21
CA ALA A 42 -1.70 12.55 6.35
C ALA A 42 -0.23 12.66 6.73
N GLY A 43 0.49 11.55 6.56
CA GLY A 43 1.91 11.50 6.86
C GLY A 43 2.77 12.39 5.99
N ASP A 44 2.59 12.27 4.68
CA ASP A 44 3.32 13.11 3.73
C ASP A 44 2.97 14.58 3.98
N GLU A 45 1.69 14.82 4.26
CA GLU A 45 1.23 16.17 4.55
C GLU A 45 1.94 16.69 5.78
N PHE A 46 2.11 15.81 6.76
CA PHE A 46 2.82 16.13 8.00
C PHE A 46 4.30 16.37 7.73
N GLU A 47 4.91 15.50 6.92
CA GLU A 47 6.29 15.66 6.51
C GLU A 47 6.53 17.03 5.89
N LEU A 48 5.66 17.37 4.94
CA LEU A 48 5.73 18.64 4.20
C LEU A 48 5.65 19.85 5.13
N ARG A 49 4.62 19.87 5.97
CA ARG A 49 4.38 21.02 6.83
C ARG A 49 5.47 21.24 7.86
N TYR A 50 6.20 20.19 8.21
CA TYR A 50 7.15 20.28 9.31
C TYR A 50 8.50 19.62 9.07
N ARG A 51 9.00 19.70 7.85
CA ARG A 51 10.31 19.10 7.53
C ARG A 51 11.43 19.58 8.43
N ARG A 52 11.32 20.82 8.90
CA ARG A 52 12.34 21.40 9.76
C ARG A 52 12.67 20.49 10.94
N ALA A 53 11.64 19.97 11.60
CA ALA A 53 11.80 19.27 12.86
C ALA A 53 12.11 17.78 12.76
N PHE A 54 12.70 17.34 11.64
CA PHE A 54 13.02 15.93 11.48
C PHE A 54 14.54 15.72 11.48
N SER A 55 15.28 16.82 11.56
CA SER A 55 16.73 16.80 11.32
C SER A 55 17.57 16.11 12.39
N ASP A 56 18.43 15.20 11.95
CA ASP A 56 19.45 14.56 12.78
C ASP A 56 19.03 14.28 14.23
N LEU A 57 17.92 13.56 14.40
CA LEU A 57 17.46 13.20 15.73
C LEU A 57 17.67 11.72 16.04
N LEU A 61 21.02 12.23 17.41
CA LEU A 61 20.54 12.12 18.78
C LEU A 61 21.07 10.83 19.41
N HIS A 62 22.32 10.51 19.11
CA HIS A 62 22.92 9.25 19.53
C HIS A 62 21.96 8.09 19.27
N ILE A 63 21.78 7.77 17.99
CA ILE A 63 20.96 6.65 17.58
C ILE A 63 21.81 5.38 17.42
N THR A 64 21.79 4.54 18.45
CA THR A 64 22.48 3.26 18.41
C THR A 64 21.50 2.17 18.80
N PRO A 65 21.75 0.93 18.35
CA PRO A 65 20.86 -0.17 18.72
C PRO A 65 20.88 -0.38 20.22
N GLY A 66 21.88 0.19 20.88
CA GLY A 66 22.04 0.03 22.32
C GLY A 66 20.89 0.58 23.15
N THR A 67 20.79 1.90 23.24
CA THR A 67 19.71 2.55 24.00
C THR A 67 18.56 2.96 23.11
N ALA A 68 18.34 2.20 22.03
CA ALA A 68 17.34 2.54 21.01
C ALA A 68 15.91 2.50 21.53
N TYR A 69 15.50 1.37 22.09
CA TYR A 69 14.15 1.27 22.63
C TYR A 69 13.96 2.17 23.83
N GLN A 70 14.97 2.23 24.69
CA GLN A 70 14.93 3.08 25.87
C GLN A 70 14.62 4.51 25.47
N SER A 71 15.44 5.05 24.57
CA SER A 71 15.25 6.40 24.07
C SER A 71 13.93 6.54 23.33
N PHE A 72 13.38 5.43 22.86
CA PHE A 72 12.14 5.43 22.11
C PHE A 72 10.90 5.44 22.99
N GLU A 73 10.83 4.48 23.90
CA GLU A 73 9.70 4.35 24.81
C GLU A 73 9.47 5.62 25.64
N GLN A 74 10.45 6.52 25.62
CA GLN A 74 10.39 7.71 26.45
C GLN A 74 9.85 8.91 25.68
N VAL A 75 10.26 9.02 24.42
CA VAL A 75 9.78 10.09 23.54
C VAL A 75 8.29 9.94 23.30
N VAL A 76 7.84 8.70 23.16
CA VAL A 76 6.44 8.41 22.92
C VAL A 76 5.60 8.64 24.18
N ASN A 77 6.09 8.13 25.31
CA ASN A 77 5.47 8.44 26.59
C ASN A 77 5.25 9.94 26.74
N GLU A 78 6.30 10.70 26.40
CA GLU A 78 6.26 12.15 26.49
C GLU A 78 5.31 12.76 25.47
N LEU A 79 5.30 12.19 24.26
CA LEU A 79 4.42 12.65 23.19
C LEU A 79 2.95 12.70 23.64
N PHE A 80 2.47 11.60 24.18
CA PHE A 80 1.08 11.54 24.63
C PHE A 80 0.97 11.84 26.12
N ARG A 81 2.01 12.42 26.69
CA ARG A 81 2.08 12.70 28.12
C ARG A 81 0.77 13.20 28.73
N ASP A 82 0.10 14.11 28.03
CA ASP A 82 -1.12 14.70 28.56
C ASP A 82 -2.34 14.48 27.65
N GLY A 83 -2.33 13.40 26.90
CA GLY A 83 -3.50 13.05 26.11
C GLY A 83 -3.19 12.65 24.69
N VAL A 84 -4.16 11.99 24.08
CA VAL A 84 -4.05 11.59 22.69
C VAL A 84 -4.98 12.49 21.88
N ASN A 85 -4.69 12.61 20.59
CA ASN A 85 -5.61 13.19 19.62
C ASN A 85 -5.23 12.68 18.24
N TRP A 86 -5.97 13.05 17.20
CA TRP A 86 -5.65 12.54 15.88
C TRP A 86 -4.32 13.06 15.33
N GLY A 87 -3.92 14.26 15.74
CA GLY A 87 -2.69 14.86 15.26
C GLY A 87 -1.43 14.28 15.89
N ARG A 88 -1.54 13.85 17.14
CA ARG A 88 -0.42 13.25 17.86
C ARG A 88 -0.19 11.82 17.41
N ILE A 89 -1.28 11.13 17.05
CA ILE A 89 -1.20 9.79 16.48
C ILE A 89 -0.47 9.83 15.15
N VAL A 90 -0.74 10.88 14.35
CA VAL A 90 0.03 11.10 13.12
C VAL A 90 1.46 11.48 13.46
N ALA A 91 1.63 12.33 14.47
CA ALA A 91 2.95 12.72 14.96
C ALA A 91 3.70 11.49 15.42
N PHE A 92 2.94 10.55 16.00
CA PHE A 92 3.47 9.27 16.46
C PHE A 92 4.02 8.43 15.29
N PHE A 93 3.19 8.23 14.27
CA PHE A 93 3.56 7.40 13.11
C PHE A 93 4.74 7.96 12.34
N SER A 94 4.64 9.23 11.95
CA SER A 94 5.69 9.86 11.16
C SER A 94 7.02 9.78 11.89
N PHE A 95 6.95 9.68 13.21
CA PHE A 95 8.14 9.60 14.06
C PHE A 95 8.88 8.27 13.87
N GLY A 96 8.11 7.19 13.79
CA GLY A 96 8.70 5.87 13.55
C GLY A 96 9.33 5.74 12.17
N GLY A 97 8.75 6.42 11.18
CA GLY A 97 9.24 6.38 9.81
C GLY A 97 10.66 6.89 9.64
N ALA A 98 10.96 8.02 10.28
CA ALA A 98 12.28 8.63 10.19
C ALA A 98 13.31 7.77 10.92
N LEU A 99 12.95 7.27 12.08
CA LEU A 99 13.80 6.36 12.82
C LEU A 99 14.25 5.25 11.89
N CYS A 100 13.30 4.70 11.15
CA CYS A 100 13.56 3.61 10.23
C CYS A 100 14.40 4.08 9.04
N VAL A 101 14.16 5.29 8.58
CA VAL A 101 14.96 5.86 7.50
C VAL A 101 16.38 6.17 7.97
N GLU A 102 16.48 6.88 9.09
CA GLU A 102 17.77 7.26 9.65
C GLU A 102 18.57 6.06 10.17
N SER A 103 17.88 4.96 10.43
CA SER A 103 18.53 3.75 10.92
C SER A 103 19.24 3.01 9.79
N VAL A 104 18.54 2.79 8.68
CA VAL A 104 19.15 2.14 7.52
C VAL A 104 20.25 3.03 6.93
N ASP A 105 20.31 4.28 7.40
CA ASP A 105 21.39 5.18 7.02
C ASP A 105 22.70 4.81 7.70
N LYS A 106 22.63 3.84 8.61
CA LYS A 106 23.82 3.39 9.32
C LYS A 106 23.93 1.87 9.24
N GLU A 107 23.25 1.30 8.24
CA GLU A 107 23.16 -0.16 8.10
C GLU A 107 22.47 -0.81 9.30
N MET A 108 22.07 0.02 10.27
CA MET A 108 21.36 -0.45 11.44
C MET A 108 19.98 -0.97 11.06
N GLN A 109 19.84 -1.33 9.79
CA GLN A 109 18.64 -1.96 9.27
C GLN A 109 17.97 -2.85 10.31
N VAL A 110 18.78 -3.61 11.04
CA VAL A 110 18.29 -4.57 12.00
C VAL A 110 17.37 -3.91 13.03
N LEU A 111 17.49 -2.60 13.17
CA LEU A 111 16.69 -1.83 14.11
C LEU A 111 15.27 -1.59 13.59
N VAL A 112 15.09 -1.77 12.29
CA VAL A 112 13.81 -1.49 11.67
C VAL A 112 12.71 -2.47 12.10
N SER A 113 13.02 -3.76 12.05
CA SER A 113 12.07 -4.80 12.43
C SER A 113 11.61 -4.63 13.88
N ARG A 114 12.54 -4.28 14.76
CA ARG A 114 12.23 -4.06 16.16
C ARG A 114 11.36 -2.82 16.37
N ILE A 115 11.65 -1.75 15.63
CA ILE A 115 10.88 -0.51 15.74
C ILE A 115 9.39 -0.70 15.50
N ALA A 116 9.07 -1.40 14.42
CA ALA A 116 7.71 -1.71 14.00
C ALA A 116 6.96 -2.35 15.12
N ALA A 117 7.63 -3.17 15.88
CA ALA A 117 6.96 -3.97 16.87
C ALA A 117 6.72 -3.17 18.13
N TRP A 118 7.56 -2.18 18.40
CA TRP A 118 7.35 -1.28 19.52
C TRP A 118 6.12 -0.40 19.34
N MET A 119 5.86 0.01 18.11
CA MET A 119 4.70 0.81 17.72
C MET A 119 3.41 0.00 17.74
N ALA A 120 3.47 -1.20 17.16
CA ALA A 120 2.29 -2.04 17.03
C ALA A 120 1.73 -2.40 18.39
N THR A 121 2.63 -2.72 19.32
CA THR A 121 2.23 -3.07 20.67
C THR A 121 1.91 -1.84 21.51
N TYR A 122 2.54 -0.71 21.21
CA TYR A 122 2.16 0.52 21.89
C TYR A 122 0.80 1.00 21.41
N LEU A 123 0.63 1.06 20.09
CA LEU A 123 -0.63 1.48 19.51
C LEU A 123 -1.73 0.51 19.92
N ASN A 124 -1.36 -0.72 20.21
CA ASN A 124 -2.34 -1.71 20.63
C ASN A 124 -2.73 -1.56 22.10
N ASP A 125 -1.74 -1.30 22.93
CA ASP A 125 -1.95 -1.25 24.37
C ASP A 125 -2.28 0.14 24.89
N HIS A 126 -1.95 1.18 24.11
CA HIS A 126 -2.09 2.55 24.60
C HIS A 126 -2.80 3.53 23.65
N LEU A 127 -2.54 3.44 22.35
CA LEU A 127 -3.24 4.29 21.41
C LEU A 127 -4.60 3.69 21.04
N GLU A 128 -4.66 2.36 20.98
CA GLU A 128 -5.87 1.64 20.61
C GLU A 128 -7.10 2.08 21.42
N PRO A 129 -6.95 2.21 22.74
CA PRO A 129 -8.07 2.63 23.59
C PRO A 129 -8.68 3.97 23.16
N TRP A 130 -7.91 5.04 23.26
CA TRP A 130 -8.37 6.37 22.86
C TRP A 130 -9.10 6.26 21.52
N ILE A 131 -8.36 5.88 20.47
CA ILE A 131 -8.92 5.75 19.14
C ILE A 131 -10.33 5.17 19.12
N GLN A 132 -10.60 4.26 20.05
CA GLN A 132 -11.86 3.52 20.00
C GLN A 132 -13.07 4.26 20.54
N GLU A 133 -12.89 5.01 21.62
CA GLU A 133 -13.99 5.80 22.17
C GLU A 133 -14.21 7.05 21.33
N ASN A 134 -13.17 7.46 20.61
CA ASN A 134 -13.21 8.71 19.85
C ASN A 134 -13.69 8.55 18.42
N GLY A 135 -14.67 7.67 18.23
CA GLY A 135 -15.32 7.50 16.93
C GLY A 135 -14.87 6.26 16.16
N GLY A 136 -13.64 5.83 16.39
CA GLY A 136 -13.06 4.73 15.64
C GLY A 136 -12.09 5.26 14.60
N TRP A 137 -11.64 4.40 13.71
CA TRP A 137 -10.78 4.83 12.62
C TRP A 137 -11.59 5.49 11.51
N ASP A 138 -12.81 5.01 11.32
CA ASP A 138 -13.73 5.59 10.35
C ASP A 138 -13.77 7.10 10.53
N THR A 139 -13.79 7.52 11.79
CA THR A 139 -13.83 8.93 12.16
C THR A 139 -12.58 9.68 11.73
N PHE A 140 -11.43 9.06 11.91
CA PHE A 140 -10.18 9.65 11.44
C PHE A 140 -10.22 9.89 9.95
N VAL A 141 -10.57 8.84 9.21
CA VAL A 141 -10.64 8.87 7.76
C VAL A 141 -11.36 10.12 7.26
N GLU A 142 -12.47 10.45 7.91
CA GLU A 142 -13.27 11.61 7.55
C GLU A 142 -12.54 12.93 7.81
N LEU A 143 -11.92 13.05 8.98
CA LEU A 143 -11.17 14.25 9.32
C LEU A 143 -9.94 14.44 8.43
N TYR A 144 -9.29 13.34 8.09
CA TYR A 144 -7.97 13.38 7.50
C TYR A 144 -7.84 12.76 6.09
N GLY A 145 -8.97 12.53 5.42
CA GLY A 145 -8.95 11.90 4.11
C GLY A 145 -9.12 12.84 2.92
N ASN A 146 -8.01 13.14 2.24
CA ASN A 146 -8.00 13.94 1.00
C ASN A 146 -7.76 15.44 1.18
N PRO B 4 18.73 15.65 26.27
CA PRO B 4 18.41 16.08 24.91
C PRO B 4 16.97 15.80 24.53
N GLU B 5 16.62 14.57 24.32
CA GLU B 5 15.39 14.06 23.72
C GLU B 5 14.18 14.87 24.18
N ILE B 6 13.84 14.84 25.44
CA ILE B 6 12.61 15.46 25.96
C ILE B 6 12.12 16.64 25.10
N TRP B 7 13.01 17.55 24.76
CA TRP B 7 12.69 18.72 23.97
C TRP B 7 12.05 18.33 22.63
N ILE B 8 12.52 17.23 22.04
CA ILE B 8 11.96 16.73 20.78
C ILE B 8 10.55 16.16 20.93
N ALA B 9 10.35 15.35 21.96
CA ALA B 9 9.02 14.82 22.24
C ALA B 9 8.04 15.97 22.41
N GLN B 10 8.47 17.01 23.12
CA GLN B 10 7.69 18.24 23.26
C GLN B 10 7.37 18.83 21.89
N GLU B 11 8.39 18.92 21.03
CA GLU B 11 8.22 19.48 19.70
C GLU B 11 7.18 18.73 18.89
N PHE B 12 7.24 17.41 18.95
CA PHE B 12 6.29 16.59 18.22
C PHE B 12 4.89 16.72 18.79
N ARG B 13 4.80 16.99 20.08
CA ARG B 13 3.51 17.26 20.68
C ARG B 13 2.93 18.53 20.07
N ARG B 14 3.79 19.53 19.86
CA ARG B 14 3.37 20.84 19.34
C ARG B 14 2.90 20.82 17.89
N ILE B 15 3.81 20.55 16.97
CA ILE B 15 3.47 20.57 15.55
C ILE B 15 2.34 19.59 15.26
N GLY B 16 2.27 18.52 16.06
CA GLY B 16 1.22 17.53 15.92
C GLY B 16 -0.10 18.03 16.48
N ASP B 17 -0.05 19.19 17.13
CA ASP B 17 -1.26 19.85 17.60
C ASP B 17 -1.72 20.88 16.59
N GLU B 18 -0.76 21.63 16.03
CA GLU B 18 -1.07 22.53 14.94
C GLU B 18 -1.81 21.72 13.89
N PHE B 19 -1.29 20.53 13.61
CA PHE B 19 -1.88 19.63 12.63
C PHE B 19 -3.30 19.24 13.04
N ASN B 20 -3.42 18.65 14.23
CA ASN B 20 -4.72 18.25 14.76
C ASN B 20 -5.72 19.40 14.69
N ALA B 21 -5.24 20.61 15.03
CA ALA B 21 -6.07 21.80 14.96
C ALA B 21 -6.59 21.99 13.56
N TYR B 22 -5.71 21.79 12.57
CA TYR B 22 -6.06 22.01 11.17
C TYR B 22 -7.26 21.18 10.73
N TYR B 23 -7.15 19.86 10.87
CA TYR B 23 -8.21 18.99 10.38
C TYR B 23 -9.41 18.96 11.33
N ALA B 24 -9.20 19.46 12.54
CA ALA B 24 -10.29 19.59 13.51
C ALA B 24 -11.17 20.80 13.18
N ARG B 25 -10.55 21.86 12.66
CA ARG B 25 -11.27 23.07 12.26
C ARG B 25 -12.08 22.86 10.96
N ARG B 26 -11.63 21.91 10.15
CA ARG B 26 -12.30 21.57 8.89
C ARG B 26 -13.55 20.73 9.14
N GLY C 1 -17.55 -12.38 10.11
CA GLY C 1 -16.14 -12.51 10.47
C GLY C 1 -15.46 -13.65 9.75
N PRO C 2 -14.60 -14.38 10.45
CA PRO C 2 -14.30 -14.16 11.87
C PRO C 2 -13.31 -13.03 12.04
N LEU C 3 -13.53 -12.19 13.05
CA LEU C 3 -12.56 -11.16 13.37
C LEU C 3 -11.21 -11.82 13.63
N GLY C 4 -10.14 -11.18 13.18
CA GLY C 4 -8.80 -11.63 13.50
C GLY C 4 -8.31 -10.92 14.75
N SER C 5 -7.06 -11.16 15.13
CA SER C 5 -6.51 -10.49 16.31
C SER C 5 -6.48 -8.98 16.12
N MET C 6 -6.76 -8.25 17.20
CA MET C 6 -6.69 -6.81 17.18
C MET C 6 -5.24 -6.31 17.13
N SER C 7 -4.36 -7.07 17.78
CA SER C 7 -2.94 -6.74 17.78
C SER C 7 -2.37 -6.74 16.39
N GLN C 8 -2.90 -7.62 15.54
CA GLN C 8 -2.44 -7.76 14.16
C GLN C 8 -3.08 -6.73 13.23
N SER C 9 -4.33 -6.37 13.49
CA SER C 9 -4.96 -5.28 12.75
C SER C 9 -4.17 -4.03 13.06
N ASN C 10 -3.78 -3.89 14.32
CA ASN C 10 -2.95 -2.77 14.75
C ASN C 10 -1.49 -2.88 14.28
N ARG C 11 -1.09 -4.09 13.91
CA ARG C 11 0.28 -4.29 13.41
C ARG C 11 0.36 -4.16 11.89
N GLU C 12 -0.67 -4.61 11.21
CA GLU C 12 -0.74 -4.56 9.75
C GLU C 12 -0.65 -3.11 9.26
N LEU C 13 -1.19 -2.21 10.07
CA LEU C 13 -1.22 -0.78 9.75
C LEU C 13 0.12 -0.10 10.01
N VAL C 14 0.81 -0.53 11.07
CA VAL C 14 2.15 -0.07 11.36
C VAL C 14 3.10 -0.38 10.21
N VAL C 15 3.07 -1.63 9.76
CA VAL C 15 3.87 -2.10 8.64
C VAL C 15 3.57 -1.34 7.35
N ASP C 16 2.28 -1.09 7.07
CA ASP C 16 1.92 -0.32 5.90
C ASP C 16 2.57 1.06 5.87
N PHE C 17 2.45 1.80 6.97
CA PHE C 17 3.03 3.13 7.05
C PHE C 17 4.56 3.09 6.97
N LEU C 18 5.18 2.15 7.67
CA LEU C 18 6.64 2.07 7.70
C LEU C 18 7.23 1.70 6.34
N SER C 19 6.60 0.76 5.65
CA SER C 19 7.06 0.34 4.33
C SER C 19 7.04 1.50 3.36
N TYR C 20 5.90 2.21 3.34
CA TYR C 20 5.72 3.36 2.47
C TYR C 20 6.85 4.37 2.67
N LYS C 21 7.16 4.67 3.92
CA LYS C 21 8.18 5.67 4.27
C LYS C 21 9.59 5.21 3.87
N LEU C 22 9.79 3.89 3.84
CA LEU C 22 11.05 3.33 3.41
C LEU C 22 11.16 3.33 1.90
N SER C 23 10.04 3.06 1.22
CA SER C 23 10.01 3.02 -0.25
C SER C 23 10.22 4.39 -0.86
N GLN C 24 10.15 5.42 -0.01
CA GLN C 24 10.39 6.79 -0.46
C GLN C 24 11.88 7.11 -0.52
N LYS C 25 12.57 6.96 0.61
CA LYS C 25 13.99 7.30 0.68
C LYS C 25 14.86 6.30 -0.09
N GLY C 26 14.22 5.33 -0.74
CA GLY C 26 14.93 4.33 -1.52
C GLY C 26 15.11 3.00 -0.82
N TYR C 27 14.34 2.78 0.24
CA TYR C 27 14.41 1.54 1.00
C TYR C 27 13.16 0.71 0.78
N SER C 28 13.08 -0.43 1.46
CA SER C 28 11.91 -1.28 1.40
C SER C 28 11.83 -2.14 2.66
N TRP C 29 10.64 -2.62 2.97
CA TRP C 29 10.39 -3.43 4.15
C TRP C 29 10.71 -4.90 3.88
N SER C 30 10.01 -5.49 2.91
CA SER C 30 10.31 -6.85 2.44
C SER C 30 10.43 -6.81 0.93
N GLN C 31 10.85 -7.91 0.30
CA GLN C 31 10.86 -7.95 -1.15
C GLN C 31 9.44 -7.75 -1.64
N MET C 32 8.51 -8.38 -0.94
CA MET C 32 7.09 -8.19 -1.16
C MET C 32 6.79 -6.70 -1.21
N ALA C 33 7.25 -5.98 -0.19
CA ALA C 33 7.02 -4.54 -0.08
C ALA C 33 7.58 -3.76 -1.27
N ALA C 34 8.81 -4.09 -1.67
CA ALA C 34 9.44 -3.42 -2.80
C ALA C 34 8.64 -3.64 -4.09
N VAL C 35 8.13 -4.86 -4.25
CA VAL C 35 7.38 -5.25 -5.45
C VAL C 35 5.98 -4.63 -5.51
N LYS C 36 5.34 -4.51 -4.35
CA LYS C 36 3.99 -3.94 -4.26
C LYS C 36 3.93 -2.49 -4.77
N GLN C 37 4.77 -1.63 -4.20
CA GLN C 37 4.77 -0.20 -4.56
C GLN C 37 5.22 0.02 -6.00
N ALA C 38 6.20 -0.75 -6.45
CA ALA C 38 6.75 -0.59 -7.79
C ALA C 38 5.75 -0.98 -8.89
N LEU C 39 4.90 -1.97 -8.60
CA LEU C 39 3.86 -2.39 -9.54
C LEU C 39 2.74 -1.35 -9.61
N ARG C 40 2.57 -0.59 -8.52
CA ARG C 40 1.62 0.52 -8.50
C ARG C 40 2.09 1.60 -9.47
N GLU C 41 3.30 2.07 -9.25
CA GLU C 41 3.89 3.14 -10.04
C GLU C 41 4.04 2.71 -11.50
N ALA C 42 4.34 1.43 -11.71
CA ALA C 42 4.44 0.88 -13.06
C ALA C 42 3.11 1.04 -13.79
N GLY C 43 2.06 0.47 -13.20
CA GLY C 43 0.73 0.48 -13.80
C GLY C 43 0.01 1.82 -13.75
N ASP C 44 0.63 2.79 -13.08
CA ASP C 44 0.12 4.16 -13.12
C ASP C 44 0.74 4.90 -14.30
N GLU C 45 1.86 4.38 -14.78
CA GLU C 45 2.51 4.92 -15.96
C GLU C 45 1.90 4.28 -17.20
N PHE C 46 1.62 2.99 -17.11
CA PHE C 46 0.93 2.27 -18.16
C PHE C 46 -0.35 3.03 -18.49
N GLU C 47 -1.05 3.44 -17.44
CA GLU C 47 -2.37 4.05 -17.55
C GLU C 47 -2.37 5.50 -18.06
N LEU C 48 -1.26 6.21 -17.86
CA LEU C 48 -1.17 7.61 -18.30
C LEU C 48 -1.01 7.70 -19.81
N ARG C 49 -0.04 6.95 -20.33
CA ARG C 49 0.11 6.86 -21.77
C ARG C 49 -1.17 6.33 -22.40
N TYR C 50 -1.42 5.04 -22.15
CA TYR C 50 -2.45 4.29 -22.85
C TYR C 50 -3.83 4.43 -22.22
N ARG C 51 -4.36 5.64 -22.30
CA ARG C 51 -5.62 6.01 -21.69
C ARG C 51 -6.82 5.24 -22.24
N ARG C 52 -7.08 5.43 -23.53
CA ARG C 52 -8.28 4.93 -24.17
C ARG C 52 -8.30 3.41 -24.30
N ALA C 53 -7.39 2.74 -23.62
CA ALA C 53 -7.29 1.28 -23.69
C ALA C 53 -8.29 0.58 -22.76
N PHE C 54 -8.73 1.28 -21.72
CA PHE C 54 -9.69 0.75 -20.77
C PHE C 54 -11.02 1.47 -20.89
N SER C 55 -11.46 1.67 -22.12
CA SER C 55 -12.71 2.36 -22.38
C SER C 55 -13.87 1.38 -22.45
N ASP C 56 -14.87 1.61 -21.61
CA ASP C 56 -16.04 0.73 -21.51
C ASP C 56 -15.71 -0.73 -21.82
N LEU C 57 -14.90 -1.34 -20.96
CA LEU C 57 -14.64 -2.77 -21.05
C LEU C 57 -15.96 -3.52 -20.90
N THR C 58 -16.86 -2.94 -20.11
CA THR C 58 -18.16 -3.54 -19.82
C THR C 58 -18.94 -3.86 -21.09
N SER C 59 -19.21 -2.84 -21.89
CA SER C 59 -19.99 -3.00 -23.12
C SER C 59 -19.15 -3.58 -24.27
N GLN C 60 -17.83 -3.48 -24.14
CA GLN C 60 -16.94 -4.03 -25.15
C GLN C 60 -16.87 -5.54 -25.03
N LEU C 61 -16.67 -6.02 -23.80
CA LEU C 61 -16.61 -7.45 -23.52
C LEU C 61 -17.99 -8.05 -23.28
N HIS C 62 -18.94 -7.20 -22.90
CA HIS C 62 -20.31 -7.60 -22.60
C HIS C 62 -20.38 -8.24 -21.20
N ILE C 63 -19.82 -7.54 -20.22
CA ILE C 63 -19.60 -8.13 -18.91
C ILE C 63 -20.84 -8.15 -18.00
N THR C 64 -21.23 -9.35 -17.60
CA THR C 64 -22.23 -9.55 -16.57
C THR C 64 -21.61 -10.50 -15.56
N PRO C 65 -22.13 -10.54 -14.32
CA PRO C 65 -21.49 -11.41 -13.33
C PRO C 65 -21.30 -12.81 -13.87
N GLY C 66 -22.19 -13.22 -14.76
CA GLY C 66 -22.14 -14.53 -15.39
C GLY C 66 -21.01 -14.68 -16.38
N THR C 67 -21.11 -14.03 -17.54
CA THR C 67 -20.09 -14.12 -18.58
C THR C 67 -18.75 -13.54 -18.13
N ALA C 68 -18.72 -13.02 -16.91
CA ALA C 68 -17.52 -12.43 -16.34
C ALA C 68 -16.32 -13.36 -16.47
N TYR C 69 -16.40 -14.52 -15.83
CA TYR C 69 -15.27 -15.44 -15.77
C TYR C 69 -14.76 -15.87 -17.15
N GLN C 70 -15.67 -16.28 -18.02
CA GLN C 70 -15.31 -16.78 -19.35
C GLN C 70 -14.53 -15.74 -20.15
N SER C 71 -15.03 -14.50 -20.12
CA SER C 71 -14.43 -13.41 -20.88
C SER C 71 -13.09 -13.03 -20.28
N PHE C 72 -13.02 -13.01 -18.95
CA PHE C 72 -11.77 -12.77 -18.24
C PHE C 72 -10.71 -13.73 -18.76
N GLU C 73 -11.10 -14.98 -18.95
CA GLU C 73 -10.21 -16.00 -19.50
C GLU C 73 -9.64 -15.57 -20.85
N GLN C 74 -10.49 -15.60 -21.88
CA GLN C 74 -10.06 -15.32 -23.24
C GLN C 74 -9.20 -14.07 -23.35
N VAL C 75 -9.59 -13.02 -22.65
CA VAL C 75 -8.82 -11.78 -22.67
C VAL C 75 -7.39 -11.98 -22.17
N VAL C 76 -7.26 -12.75 -21.09
CA VAL C 76 -5.99 -12.92 -20.39
C VAL C 76 -5.06 -13.92 -21.09
N ASN C 77 -5.61 -15.08 -21.46
CA ASN C 77 -4.81 -16.11 -22.14
C ASN C 77 -4.34 -15.65 -23.52
N GLU C 78 -5.08 -14.74 -24.13
CA GLU C 78 -4.72 -14.19 -25.43
C GLU C 78 -3.54 -13.23 -25.32
N LEU C 79 -3.59 -12.34 -24.34
CA LEU C 79 -2.51 -11.40 -24.10
C LEU C 79 -1.18 -12.14 -24.00
N PHE C 80 -1.22 -13.33 -23.38
CA PHE C 80 -0.04 -14.16 -23.25
C PHE C 80 -0.11 -15.38 -24.17
N ARG C 81 -0.58 -15.18 -25.40
CA ARG C 81 -0.67 -16.27 -26.37
C ARG C 81 0.71 -16.58 -26.95
N ASP C 82 1.56 -15.57 -27.01
CA ASP C 82 2.87 -15.72 -27.60
C ASP C 82 4.00 -15.37 -26.62
N GLY C 83 3.78 -15.64 -25.34
CA GLY C 83 4.82 -15.42 -24.35
C GLY C 83 4.50 -14.33 -23.35
N VAL C 84 5.45 -14.05 -22.47
CA VAL C 84 5.27 -13.07 -21.41
C VAL C 84 6.41 -12.07 -21.41
N ASN C 85 6.18 -10.94 -20.75
CA ASN C 85 7.20 -9.93 -20.51
C ASN C 85 6.67 -8.88 -19.52
N TRP C 86 7.58 -8.12 -18.91
CA TRP C 86 7.20 -7.21 -17.84
C TRP C 86 6.21 -6.12 -18.28
N GLY C 87 6.03 -5.98 -19.58
CA GLY C 87 5.07 -5.03 -20.13
C GLY C 87 3.66 -5.61 -20.19
N ARG C 88 3.54 -6.83 -20.69
CA ARG C 88 2.25 -7.52 -20.74
C ARG C 88 1.78 -7.85 -19.33
N ILE C 89 2.71 -8.24 -18.48
CA ILE C 89 2.41 -8.48 -17.06
C ILE C 89 1.73 -7.26 -16.43
N VAL C 90 2.26 -6.07 -16.72
CA VAL C 90 1.68 -4.84 -16.21
C VAL C 90 0.31 -4.58 -16.82
N ALA C 91 0.19 -4.82 -18.12
CA ALA C 91 -1.10 -4.70 -18.81
C ALA C 91 -2.10 -5.62 -18.13
N PHE C 92 -1.63 -6.81 -17.80
CA PHE C 92 -2.41 -7.79 -17.04
C PHE C 92 -3.00 -7.14 -15.79
N PHE C 93 -2.15 -6.46 -15.03
CA PHE C 93 -2.59 -5.87 -13.77
C PHE C 93 -3.56 -4.72 -13.98
N SER C 94 -3.33 -3.91 -15.00
CA SER C 94 -4.16 -2.73 -15.23
C SER C 94 -5.52 -3.07 -15.84
N PHE C 95 -5.59 -4.19 -16.57
CA PHE C 95 -6.86 -4.64 -17.12
C PHE C 95 -7.81 -5.09 -16.02
N GLY C 96 -7.33 -5.97 -15.14
CA GLY C 96 -8.10 -6.40 -14.00
C GLY C 96 -8.49 -5.23 -13.12
N GLY C 97 -7.55 -4.31 -12.89
CA GLY C 97 -7.84 -3.11 -12.15
C GLY C 97 -8.94 -2.30 -12.81
N ALA C 98 -8.76 -1.99 -14.10
CA ALA C 98 -9.75 -1.22 -14.86
C ALA C 98 -11.08 -1.95 -14.96
N LEU C 99 -11.03 -3.28 -14.88
CA LEU C 99 -12.23 -4.09 -14.92
C LEU C 99 -12.90 -4.03 -13.55
N CYS C 100 -12.10 -3.97 -12.50
CA CYS C 100 -12.58 -3.85 -11.13
C CYS C 100 -13.37 -2.57 -10.89
N VAL C 101 -12.79 -1.43 -11.24
CA VAL C 101 -13.45 -0.15 -11.07
C VAL C 101 -14.67 -0.06 -11.99
N GLU C 102 -14.50 -0.49 -13.24
CA GLU C 102 -15.61 -0.50 -14.18
C GLU C 102 -16.78 -1.26 -13.56
N SER C 103 -16.49 -2.44 -13.03
CA SER C 103 -17.50 -3.26 -12.36
C SER C 103 -18.24 -2.47 -11.29
N VAL C 104 -17.50 -2.00 -10.30
CA VAL C 104 -18.09 -1.32 -9.15
C VAL C 104 -19.08 -0.24 -9.55
N ASP C 105 -18.60 0.75 -10.28
CA ASP C 105 -19.45 1.84 -10.74
C ASP C 105 -20.74 1.30 -11.33
N LYS C 106 -20.65 0.18 -12.04
CA LYS C 106 -21.78 -0.41 -12.74
C LYS C 106 -22.60 -1.39 -11.89
N GLU C 107 -22.78 -1.04 -10.62
CA GLU C 107 -23.65 -1.79 -9.71
C GLU C 107 -23.16 -3.20 -9.41
N MET C 108 -22.32 -3.73 -10.30
CA MET C 108 -21.73 -5.05 -10.09
C MET C 108 -20.55 -5.02 -9.12
N GLN C 109 -20.79 -4.52 -7.91
CA GLN C 109 -19.76 -4.56 -6.88
C GLN C 109 -19.34 -6.01 -6.64
N VAL C 110 -20.25 -6.92 -6.97
CA VAL C 110 -20.04 -8.35 -6.78
C VAL C 110 -18.64 -8.81 -7.21
N LEU C 111 -18.30 -8.49 -8.44
CA LEU C 111 -17.17 -9.11 -9.14
C LEU C 111 -15.76 -8.81 -8.61
N VAL C 112 -15.65 -7.93 -7.62
CA VAL C 112 -14.33 -7.48 -7.18
C VAL C 112 -13.49 -8.60 -6.55
N SER C 113 -13.97 -9.16 -5.45
CA SER C 113 -13.25 -10.24 -4.78
C SER C 113 -13.09 -11.44 -5.72
N ARG C 114 -13.97 -11.53 -6.70
CA ARG C 114 -13.92 -12.60 -7.69
C ARG C 114 -12.73 -12.41 -8.62
N ILE C 115 -12.66 -11.23 -9.23
CA ILE C 115 -11.58 -10.92 -10.16
C ILE C 115 -10.23 -11.05 -9.46
N ALA C 116 -10.16 -10.55 -8.24
CA ALA C 116 -8.94 -10.67 -7.46
C ALA C 116 -8.46 -12.11 -7.48
N ALA C 117 -9.41 -13.03 -7.39
CA ALA C 117 -9.13 -14.45 -7.35
C ALA C 117 -8.58 -15.00 -8.68
N TRP C 118 -9.24 -14.67 -9.78
CA TRP C 118 -8.83 -15.14 -11.10
C TRP C 118 -7.41 -14.69 -11.45
N MET C 119 -7.08 -13.45 -11.10
CA MET C 119 -5.74 -12.92 -11.30
C MET C 119 -4.72 -13.67 -10.46
N ALA C 120 -5.05 -13.87 -9.19
CA ALA C 120 -4.16 -14.55 -8.25
C ALA C 120 -3.85 -15.97 -8.69
N THR C 121 -4.89 -16.74 -9.02
CA THR C 121 -4.73 -18.13 -9.44
C THR C 121 -3.87 -18.20 -10.70
N TYR C 122 -4.21 -17.38 -11.68
CA TYR C 122 -3.50 -17.36 -12.94
C TYR C 122 -2.01 -17.17 -12.73
N LEU C 123 -1.65 -16.30 -11.79
CA LEU C 123 -0.25 -16.03 -11.48
C LEU C 123 0.51 -17.30 -11.13
N ASN C 124 0.10 -17.98 -10.06
CA ASN C 124 0.70 -19.24 -9.69
C ASN C 124 0.77 -20.18 -10.88
N ASP C 125 -0.19 -20.04 -11.80
CA ASP C 125 -0.43 -21.04 -12.83
C ASP C 125 0.49 -20.94 -14.05
N HIS C 126 0.63 -19.75 -14.60
CA HIS C 126 1.38 -19.61 -15.85
C HIS C 126 2.50 -18.58 -15.78
N LEU C 127 2.30 -17.54 -14.99
CA LEU C 127 3.28 -16.45 -14.93
C LEU C 127 4.33 -16.65 -13.84
N GLU C 128 3.94 -17.24 -12.73
CA GLU C 128 4.89 -17.58 -11.68
C GLU C 128 6.14 -18.24 -12.25
N PRO C 129 5.95 -19.24 -13.15
CA PRO C 129 7.07 -19.91 -13.83
C PRO C 129 7.97 -18.96 -14.60
N TRP C 130 7.38 -18.08 -15.41
CA TRP C 130 8.16 -17.18 -16.25
C TRP C 130 8.97 -16.20 -15.44
N ILE C 131 8.38 -15.64 -14.39
CA ILE C 131 9.08 -14.72 -13.51
C ILE C 131 10.32 -15.38 -12.92
N GLN C 132 10.13 -16.56 -12.35
CA GLN C 132 11.21 -17.29 -11.70
C GLN C 132 12.30 -17.73 -12.70
N GLU C 133 11.90 -17.93 -13.94
CA GLU C 133 12.84 -18.29 -15.01
C GLU C 133 13.46 -17.05 -15.65
N ASN C 134 12.93 -15.87 -15.32
CA ASN C 134 13.41 -14.63 -15.91
C ASN C 134 13.82 -13.55 -14.90
N GLY C 135 14.57 -13.98 -13.88
CA GLY C 135 15.14 -13.07 -12.89
C GLY C 135 14.42 -13.07 -11.55
N GLY C 136 13.19 -13.54 -11.55
CA GLY C 136 12.37 -13.52 -10.35
C GLY C 136 11.79 -12.14 -10.13
N TRP C 137 11.18 -11.94 -8.96
CA TRP C 137 10.66 -10.63 -8.60
C TRP C 137 11.82 -9.66 -8.34
N ASP C 138 13.01 -10.22 -8.14
CA ASP C 138 14.22 -9.45 -7.98
C ASP C 138 14.33 -8.43 -9.12
N THR C 139 14.24 -8.93 -10.35
CA THR C 139 14.43 -8.13 -11.55
C THR C 139 13.45 -6.96 -11.65
N PHE C 140 12.16 -7.29 -11.63
CA PHE C 140 11.09 -6.30 -11.74
C PHE C 140 11.36 -5.03 -10.92
N VAL C 141 11.75 -5.21 -9.66
CA VAL C 141 12.05 -4.08 -8.78
C VAL C 141 13.11 -3.16 -9.37
N GLU C 142 14.12 -3.75 -10.01
CA GLU C 142 15.15 -2.99 -10.72
C GLU C 142 14.55 -2.10 -11.79
N LEU C 143 13.71 -2.70 -12.63
CA LEU C 143 13.20 -2.04 -13.84
C LEU C 143 12.15 -0.96 -13.57
N TYR C 144 11.05 -1.37 -12.94
CA TYR C 144 9.88 -0.49 -12.81
C TYR C 144 9.76 0.20 -11.45
N GLY C 145 10.75 -0.01 -10.59
CA GLY C 145 10.90 0.79 -9.39
C GLY C 145 11.56 2.11 -9.78
N ASN C 146 11.80 2.97 -8.81
CA ASN C 146 12.46 4.26 -9.06
C ASN C 146 11.56 5.22 -9.84
N ARG D 3 -14.38 -12.75 -31.27
CA ARG D 3 -13.66 -11.57 -31.76
C ARG D 3 -13.55 -10.42 -30.77
N PRO D 4 -14.63 -10.12 -30.01
CA PRO D 4 -14.57 -9.00 -29.07
C PRO D 4 -13.42 -9.17 -28.07
N GLU D 5 -13.39 -10.33 -27.41
CA GLU D 5 -12.37 -10.63 -26.41
C GLU D 5 -10.94 -10.52 -26.99
N ILE D 6 -10.70 -11.32 -28.02
CA ILE D 6 -9.39 -11.33 -28.70
C ILE D 6 -8.86 -9.91 -28.91
N TRP D 7 -9.71 -9.04 -29.43
CA TRP D 7 -9.28 -7.71 -29.84
C TRP D 7 -8.81 -6.87 -28.66
N ILE D 8 -9.70 -6.60 -27.71
CA ILE D 8 -9.32 -5.83 -26.53
C ILE D 8 -8.12 -6.48 -25.89
N ALA D 9 -8.07 -7.81 -25.95
CA ALA D 9 -6.95 -8.56 -25.43
C ALA D 9 -5.66 -8.16 -26.12
N GLN D 10 -5.67 -8.18 -27.45
CA GLN D 10 -4.47 -7.87 -28.21
C GLN D 10 -4.13 -6.38 -28.24
N GLU D 11 -5.13 -5.53 -27.98
CA GLU D 11 -4.86 -4.10 -27.84
C GLU D 11 -4.00 -3.89 -26.58
N PHE D 12 -4.15 -4.81 -25.63
CA PHE D 12 -3.32 -4.81 -24.42
C PHE D 12 -1.95 -5.40 -24.72
N ARG D 13 -1.82 -6.03 -25.89
CA ARG D 13 -0.53 -6.56 -26.33
C ARG D 13 0.30 -5.47 -26.99
N ARG D 14 -0.36 -4.65 -27.82
CA ARG D 14 0.30 -3.51 -28.45
C ARG D 14 0.88 -2.57 -27.39
N ILE D 15 -0.01 -2.00 -26.58
CA ILE D 15 0.40 -1.11 -25.50
C ILE D 15 1.15 -1.90 -24.43
N GLY D 16 1.20 -3.21 -24.61
CA GLY D 16 1.95 -4.08 -23.71
C GLY D 16 3.44 -3.98 -23.98
N ASP D 17 3.85 -4.32 -25.20
CA ASP D 17 5.26 -4.22 -25.60
C ASP D 17 5.66 -2.76 -25.77
N GLU D 18 4.69 -1.89 -26.02
CA GLU D 18 4.94 -0.47 -26.13
C GLU D 18 5.37 0.09 -24.76
N PHE D 19 5.15 -0.71 -23.72
CA PHE D 19 5.55 -0.34 -22.37
C PHE D 19 6.86 -1.00 -21.98
N ASN D 20 6.97 -2.30 -22.25
CA ASN D 20 8.17 -3.05 -21.94
C ASN D 20 9.40 -2.26 -22.38
N ALA D 21 9.29 -1.61 -23.54
CA ALA D 21 10.36 -0.76 -24.05
C ALA D 21 10.42 0.57 -23.31
#